data_2AJI
#
_entry.id   2AJI
#
_cell.length_a   112.487
_cell.length_b   112.487
_cell.length_c   135.023
_cell.angle_alpha   90.00
_cell.angle_beta   90.00
_cell.angle_gamma   120.00
#
_symmetry.space_group_name_H-M   'P 63 2 2'
#
loop_
_entity.id
_entity.type
_entity.pdbx_description
1 polymer 'Leucyl-tRNA synthetase'
2 non-polymer ISOLEUCINE
#
_entity_poly.entity_id   1
_entity_poly.type   'polypeptide(L)'
_entity_poly.pdbx_seq_one_letter_code
;MHHHHHHAMGEGVEITFNVNDYDNTLTVYTTRPDTFMGCTYLAVAAGHPLAQKAAENNPELAAFIDECRNTKVAEAEMAT
MEKKGVDTGFKAVHPLTGEEIPVWAANFVLMEYGTGAVMAVPGHDQRDYEFASKYGLNIKPVILAADGSEPDLSQQALTE
KGVLFNSGEFNGLDHEAAFNAIADKLTAMGVGERKV
;
_entity_poly.pdbx_strand_id   A,B
#
# COMPACT_ATOMS: atom_id res chain seq x y z
N GLU A 11 -3.08 23.13 -1.20
CA GLU A 11 -4.02 22.64 -2.27
C GLU A 11 -4.73 21.33 -1.87
N GLY A 12 -6.06 21.37 -1.82
CA GLY A 12 -6.88 20.24 -1.46
C GLY A 12 -8.22 20.32 -2.16
N VAL A 13 -9.15 19.44 -1.79
CA VAL A 13 -10.48 19.40 -2.39
C VAL A 13 -11.55 19.22 -1.31
N GLU A 14 -12.67 19.94 -1.44
CA GLU A 14 -13.85 19.70 -0.59
C GLU A 14 -14.79 18.80 -1.36
N ILE A 15 -15.23 17.72 -0.72
CA ILE A 15 -16.08 16.73 -1.38
C ILE A 15 -17.38 16.62 -0.60
N THR A 16 -18.49 16.59 -1.34
CA THR A 16 -19.81 16.61 -0.75
C THR A 16 -20.54 15.32 -1.04
N PHE A 17 -20.88 14.63 0.04
CA PHE A 17 -21.60 13.36 -0.03
C PHE A 17 -23.07 13.60 0.24
N ASN A 18 -23.92 12.76 -0.37
CA ASN A 18 -25.33 12.65 -0.01
C ASN A 18 -25.45 11.56 1.07
N VAL A 19 -26.34 11.76 2.04
CA VAL A 19 -26.57 10.79 3.12
C VAL A 19 -28.03 10.37 3.14
N ASN A 20 -28.28 9.06 3.11
CA ASN A 20 -29.64 8.50 3.08
C ASN A 20 -30.46 8.77 4.34
N ASP A 21 -31.68 9.31 4.14
CA ASP A 21 -32.62 9.72 5.20
C ASP A 21 -32.11 10.91 6.03
N TYR A 22 -31.53 11.87 5.33
CA TYR A 22 -30.92 13.04 5.97
C TYR A 22 -31.09 14.25 5.06
N ASP A 23 -31.64 15.34 5.60
CA ASP A 23 -32.00 16.52 4.81
C ASP A 23 -30.80 17.37 4.36
N ASN A 24 -29.70 17.29 5.10
CA ASN A 24 -28.47 17.98 4.72
C ASN A 24 -27.56 17.07 3.88
N THR A 25 -26.42 17.62 3.45
CA THR A 25 -25.37 16.82 2.83
C THR A 25 -24.24 16.66 3.83
N LEU A 26 -23.29 15.78 3.54
CA LEU A 26 -22.05 15.72 4.31
C LEU A 26 -20.93 16.30 3.48
N THR A 27 -20.12 17.16 4.07
CA THR A 27 -18.99 17.70 3.33
C THR A 27 -17.64 17.42 4.01
N VAL A 28 -16.69 16.95 3.22
CA VAL A 28 -15.39 16.58 3.75
C VAL A 28 -14.33 17.41 3.03
N TYR A 29 -13.19 17.62 3.69
CA TYR A 29 -11.99 18.18 3.05
C TYR A 29 -10.88 17.14 3.05
N THR A 30 -10.16 17.04 1.95
CA THR A 30 -9.00 16.14 1.88
C THR A 30 -7.91 16.67 0.97
N THR A 31 -6.67 16.36 1.32
CA THR A 31 -5.52 16.74 0.52
C THR A 31 -5.03 15.53 -0.23
N ARG A 32 -5.81 14.46 -0.15
CA ARG A 32 -5.50 13.20 -0.81
C ARG A 32 -6.66 12.66 -1.68
N PRO A 33 -7.18 13.47 -2.59
CA PRO A 33 -8.28 13.02 -3.46
C PRO A 33 -7.87 11.79 -4.26
N ASP A 34 -6.57 11.61 -4.46
CA ASP A 34 -6.05 10.50 -5.23
C ASP A 34 -6.42 9.17 -4.59
N THR A 35 -6.63 9.19 -3.28
CA THR A 35 -7.03 7.98 -2.57
C THR A 35 -8.55 7.75 -2.54
N PHE A 36 -9.30 8.67 -3.11
CA PHE A 36 -10.75 8.75 -2.92
C PHE A 36 -11.51 7.47 -3.17
N MET A 37 -11.04 6.66 -4.12
CA MET A 37 -11.67 5.38 -4.43
C MET A 37 -11.46 4.33 -3.33
N GLY A 38 -10.62 4.65 -2.34
CA GLY A 38 -10.39 3.74 -1.23
C GLY A 38 -11.08 4.20 0.04
N CYS A 39 -11.94 5.21 -0.09
CA CYS A 39 -12.71 5.69 1.04
C CYS A 39 -13.81 4.70 1.39
N THR A 40 -13.73 4.12 2.59
CA THR A 40 -14.66 3.05 3.00
C THR A 40 -15.62 3.45 4.10
N TYR A 41 -15.45 4.67 4.62
CA TYR A 41 -16.37 5.23 5.61
C TYR A 41 -16.10 6.72 5.79
N LEU A 42 -17.02 7.39 6.47
CA LEU A 42 -16.84 8.78 6.84
C LEU A 42 -16.84 8.91 8.37
N ALA A 43 -16.09 9.87 8.88
CA ALA A 43 -16.02 10.11 10.31
C ALA A 43 -16.33 11.58 10.61
N VAL A 44 -17.35 11.79 11.41
CA VAL A 44 -17.82 13.12 11.75
C VAL A 44 -17.44 13.43 13.18
N ALA A 45 -17.36 14.71 13.50
CA ALA A 45 -17.03 15.14 14.85
C ALA A 45 -18.28 14.96 15.70
N ALA A 46 -18.09 14.61 16.97
CA ALA A 46 -19.19 14.36 17.90
C ALA A 46 -20.17 15.53 17.99
N GLY A 47 -19.73 16.74 17.70
CA GLY A 47 -20.61 17.89 17.72
C GLY A 47 -21.18 18.26 16.37
N HIS A 48 -21.09 17.36 15.40
CA HIS A 48 -21.61 17.63 14.05
C HIS A 48 -23.13 17.43 13.99
N PRO A 49 -23.84 18.29 13.27
CA PRO A 49 -25.30 18.18 13.13
C PRO A 49 -25.84 16.79 12.80
N LEU A 50 -25.18 16.07 11.90
CA LEU A 50 -25.54 14.69 11.54
C LEU A 50 -25.41 13.82 12.77
N ALA A 51 -24.40 14.10 13.58
CA ALA A 51 -24.12 13.27 14.75
C ALA A 51 -25.25 13.34 15.77
N GLN A 52 -25.74 14.54 16.05
CA GLN A 52 -26.85 14.71 17.01
C GLN A 52 -28.21 14.29 16.45
N LYS A 53 -28.48 14.62 15.19
CA LYS A 53 -29.69 14.13 14.55
C LYS A 53 -29.84 12.61 14.71
N ALA A 54 -28.71 11.89 14.81
CA ALA A 54 -28.74 10.44 14.98
C ALA A 54 -28.75 10.03 16.45
N ALA A 55 -28.25 10.92 17.32
CA ALA A 55 -28.26 10.67 18.76
C ALA A 55 -29.70 10.66 19.29
N GLU A 56 -30.58 11.31 18.53
CA GLU A 56 -32.01 11.38 18.82
C GLU A 56 -32.63 10.01 19.06
N ASN A 57 -32.28 9.03 18.23
CA ASN A 57 -32.76 7.67 18.39
C ASN A 57 -31.60 6.71 18.71
N ASN A 58 -30.68 7.16 19.55
CA ASN A 58 -29.45 6.42 19.89
C ASN A 58 -28.80 6.86 21.20
N PRO A 59 -29.01 6.09 22.26
CA PRO A 59 -28.46 6.43 23.58
C PRO A 59 -26.95 6.22 23.67
N GLU A 60 -26.43 5.20 22.98
CA GLU A 60 -24.99 4.92 22.93
C GLU A 60 -24.23 6.14 22.42
N LEU A 61 -24.78 6.77 21.38
CA LEU A 61 -24.23 8.00 20.82
C LEU A 61 -24.33 9.16 21.80
N ALA A 62 -25.40 9.19 22.58
CA ALA A 62 -25.61 10.25 23.57
C ALA A 62 -24.53 10.19 24.66
N ALA A 63 -24.16 8.97 25.05
CA ALA A 63 -23.10 8.78 26.04
C ALA A 63 -21.74 9.19 25.47
N PHE A 64 -21.46 8.73 24.24
CA PHE A 64 -20.26 9.07 23.52
C PHE A 64 -20.10 10.59 23.30
N ILE A 65 -21.13 11.25 22.76
CA ILE A 65 -21.07 12.71 22.55
C ILE A 65 -20.81 13.47 23.86
N ASP A 66 -21.38 12.98 24.96
CA ASP A 66 -21.17 13.58 26.27
C ASP A 66 -19.75 13.38 26.78
N GLU A 67 -19.28 12.13 26.70
CA GLU A 67 -17.89 11.79 27.02
C GLU A 67 -16.95 12.71 26.28
N CYS A 68 -17.26 12.92 25.00
CA CYS A 68 -16.44 13.73 24.11
C CYS A 68 -16.46 15.22 24.50
N ARG A 69 -17.65 15.76 24.81
CA ARG A 69 -17.80 17.16 25.25
C ARG A 69 -16.93 17.47 26.47
N ASN A 70 -16.45 16.42 27.13
CA ASN A 70 -15.57 16.55 28.26
C ASN A 70 -14.11 16.59 27.86
N THR A 71 -13.70 15.59 27.07
CA THR A 71 -12.32 15.50 26.63
C THR A 71 -12.02 16.53 25.56
N LYS A 72 -11.40 17.63 25.96
CA LYS A 72 -10.93 18.60 24.99
C LYS A 72 -9.70 18.01 24.31
N VAL A 73 -9.93 17.19 23.28
CA VAL A 73 -8.85 16.53 22.55
C VAL A 73 -8.08 17.52 21.70
N ALA A 74 -6.76 17.42 21.76
CA ALA A 74 -5.86 18.30 21.04
C ALA A 74 -5.28 17.58 19.82
N GLU A 75 -5.34 18.25 18.67
CA GLU A 75 -4.85 17.68 17.43
C GLU A 75 -3.47 17.05 17.59
N ALA A 76 -2.65 17.67 18.44
CA ALA A 76 -1.25 17.28 18.64
C ALA A 76 -1.06 16.13 19.61
N GLU A 77 -2.10 15.86 20.41
CA GLU A 77 -2.08 14.78 21.38
C GLU A 77 -2.74 13.51 20.81
N MET A 78 -2.98 13.49 19.51
CA MET A 78 -3.87 12.50 18.93
C MET A 78 -3.22 11.16 18.64
N ALA A 79 -1.97 11.17 18.20
CA ALA A 79 -1.28 9.89 17.99
C ALA A 79 -1.04 9.19 19.33
N THR A 80 -1.47 9.83 20.43
CA THR A 80 -1.26 9.34 21.78
C THR A 80 -2.55 8.84 22.45
N MET A 81 -3.66 9.51 22.14
CA MET A 81 -4.98 9.21 22.70
C MET A 81 -5.61 7.95 22.10
N GLU A 82 -6.42 7.26 22.89
CA GLU A 82 -7.13 6.09 22.41
C GLU A 82 -8.28 6.55 21.52
N LYS A 83 -8.29 6.07 20.29
CA LYS A 83 -9.32 6.45 19.35
C LYS A 83 -10.60 5.71 19.68
N LYS A 84 -11.70 6.45 19.66
CA LYS A 84 -13.00 5.92 20.02
C LYS A 84 -14.05 6.51 19.10
N GLY A 85 -15.06 5.72 18.78
CA GLY A 85 -16.11 6.14 17.87
C GLY A 85 -17.28 5.18 17.82
N VAL A 86 -18.38 5.64 17.26
CA VAL A 86 -19.64 4.91 17.31
C VAL A 86 -20.36 5.06 15.98
N ASP A 87 -20.95 3.98 15.49
CA ASP A 87 -21.69 3.99 14.24
C ASP A 87 -22.91 4.87 14.37
N THR A 88 -23.07 5.84 13.46
CA THR A 88 -24.22 6.76 13.53
C THR A 88 -25.48 6.16 12.97
N GLY A 89 -25.35 5.08 12.22
CA GLY A 89 -26.50 4.45 11.63
C GLY A 89 -26.74 4.95 10.22
N PHE A 90 -26.35 6.21 9.97
CA PHE A 90 -26.45 6.81 8.64
C PHE A 90 -25.48 6.21 7.63
N LYS A 91 -25.93 6.11 6.38
CA LYS A 91 -25.09 5.63 5.28
C LYS A 91 -24.94 6.69 4.20
N ALA A 92 -23.69 7.01 3.87
CA ALA A 92 -23.38 7.99 2.82
C ALA A 92 -23.12 7.28 1.48
N VAL A 93 -23.44 7.97 0.38
CA VAL A 93 -23.22 7.43 -0.96
C VAL A 93 -21.96 8.01 -1.60
N HIS A 94 -21.01 7.11 -1.88
CA HIS A 94 -19.77 7.44 -2.56
C HIS A 94 -20.05 7.92 -3.98
N PRO A 95 -19.84 9.21 -4.24
CA PRO A 95 -20.22 9.81 -5.52
C PRO A 95 -19.71 9.07 -6.76
N LEU A 96 -18.44 8.66 -6.75
CA LEU A 96 -17.88 7.97 -7.90
C LEU A 96 -18.29 6.51 -7.94
N THR A 97 -18.35 5.87 -6.79
CA THR A 97 -18.58 4.44 -6.77
C THR A 97 -20.06 4.11 -6.73
N GLY A 98 -20.86 4.96 -6.09
CA GLY A 98 -22.28 4.72 -5.99
C GLY A 98 -22.66 3.84 -4.82
N GLU A 99 -21.69 3.10 -4.28
CA GLU A 99 -21.96 2.22 -3.14
C GLU A 99 -22.11 2.97 -1.81
N GLU A 100 -22.64 2.28 -0.81
CA GLU A 100 -22.92 2.88 0.49
C GLU A 100 -21.76 2.71 1.46
N ILE A 101 -21.49 3.76 2.23
CA ILE A 101 -20.43 3.75 3.23
C ILE A 101 -20.95 4.29 4.56
N PRO A 102 -20.66 3.60 5.65
CA PRO A 102 -21.07 4.06 6.98
C PRO A 102 -20.48 5.40 7.35
N VAL A 103 -21.28 6.21 8.05
CA VAL A 103 -20.80 7.40 8.74
C VAL A 103 -20.61 7.01 10.20
N TRP A 104 -19.42 7.25 10.75
CA TRP A 104 -19.17 7.04 12.17
C TRP A 104 -18.88 8.37 12.82
N ALA A 105 -19.11 8.46 14.12
CA ALA A 105 -18.74 9.64 14.89
C ALA A 105 -17.48 9.24 15.59
N ALA A 106 -16.46 10.09 15.54
CA ALA A 106 -15.18 9.72 16.11
C ALA A 106 -14.62 10.84 16.96
N ASN A 107 -13.89 10.46 18.00
CA ASN A 107 -13.30 11.44 18.92
C ASN A 107 -12.10 12.19 18.37
N PHE A 108 -11.57 11.73 17.24
CA PHE A 108 -10.40 12.34 16.63
C PHE A 108 -10.73 13.35 15.53
N VAL A 109 -12.02 13.56 15.30
CA VAL A 109 -12.50 14.55 14.35
C VAL A 109 -13.08 15.72 15.13
N LEU A 110 -12.55 16.93 14.91
CA LEU A 110 -13.03 18.12 15.60
C LEU A 110 -13.80 19.06 14.68
N MET A 111 -14.62 19.91 15.29
CA MET A 111 -15.46 20.88 14.58
C MET A 111 -14.72 22.16 14.32
N GLU A 112 -13.89 22.57 15.30
CA GLU A 112 -13.25 23.90 15.36
C GLU A 112 -12.49 24.28 14.10
N TYR A 113 -11.91 23.27 13.45
CA TYR A 113 -11.10 23.44 12.26
C TYR A 113 -11.51 22.40 11.22
N GLY A 114 -11.82 22.86 10.02
CA GLY A 114 -12.34 22.00 8.95
C GLY A 114 -13.86 22.00 8.90
N THR A 115 -14.42 21.02 8.21
CA THR A 115 -15.87 20.84 8.12
C THR A 115 -16.44 20.01 9.27
N GLY A 116 -15.56 19.38 10.04
CA GLY A 116 -15.98 18.52 11.13
C GLY A 116 -16.31 17.12 10.66
N ALA A 117 -15.97 16.84 9.41
CA ALA A 117 -16.13 15.51 8.86
C ALA A 117 -14.96 15.21 7.94
N VAL A 118 -14.43 13.99 8.05
CA VAL A 118 -13.31 13.54 7.22
C VAL A 118 -13.69 12.33 6.36
N MET A 119 -13.13 12.22 5.16
CA MET A 119 -13.28 10.98 4.42
C MET A 119 -12.12 10.10 4.80
N ALA A 120 -12.37 8.81 4.97
CA ALA A 120 -11.33 7.95 5.48
C ALA A 120 -10.91 6.91 4.46
N VAL A 121 -9.60 6.74 4.31
CA VAL A 121 -9.06 5.66 3.51
C VAL A 121 -8.09 4.88 4.39
N PRO A 122 -8.62 3.92 5.13
CA PRO A 122 -7.80 3.11 6.03
C PRO A 122 -6.68 2.39 5.29
N GLY A 123 -6.90 2.07 4.01
CA GLY A 123 -5.86 1.43 3.23
C GLY A 123 -4.56 2.22 3.14
N HIS A 124 -4.62 3.54 3.39
CA HIS A 124 -3.49 4.43 3.09
C HIS A 124 -3.33 5.65 4.01
N ASP A 125 -4.05 5.68 5.12
CA ASP A 125 -3.79 6.65 6.18
C ASP A 125 -3.71 5.87 7.47
N GLN A 126 -2.71 6.16 8.31
CA GLN A 126 -2.43 5.33 9.51
C GLN A 126 -3.51 5.44 10.61
N ARG A 127 -3.92 6.68 10.89
CA ARG A 127 -5.03 6.95 11.78
C ARG A 127 -6.28 6.21 11.30
N ASP A 128 -6.58 6.33 10.01
CA ASP A 128 -7.76 5.67 9.40
C ASP A 128 -7.69 4.15 9.54
N TYR A 129 -6.49 3.58 9.36
CA TYR A 129 -6.25 2.14 9.47
C TYR A 129 -6.49 1.63 10.89
N GLU A 130 -5.97 2.36 11.88
CA GLU A 130 -6.07 1.99 13.28
C GLU A 130 -7.54 2.02 13.78
N PHE A 131 -8.31 3.00 13.31
CA PHE A 131 -9.73 3.15 13.64
C PHE A 131 -10.57 2.05 13.03
N ALA A 132 -10.26 1.72 11.79
CA ALA A 132 -11.01 0.71 11.05
C ALA A 132 -10.65 -0.68 11.52
N SER A 133 -9.43 -0.85 12.03
CA SER A 133 -8.98 -2.16 12.53
C SER A 133 -9.79 -2.51 13.77
N LYS A 134 -9.90 -1.52 14.65
CA LYS A 134 -10.57 -1.64 15.92
C LYS A 134 -12.05 -1.93 15.74
N TYR A 135 -12.67 -1.31 14.74
CA TYR A 135 -14.11 -1.42 14.56
C TYR A 135 -14.57 -2.31 13.39
N GLY A 136 -13.70 -3.21 12.94
CA GLY A 136 -14.02 -4.11 11.84
C GLY A 136 -14.51 -3.43 10.57
N LEU A 137 -14.09 -2.19 10.34
CA LEU A 137 -14.42 -1.47 9.11
C LEU A 137 -13.53 -1.88 7.92
N ASN A 138 -14.06 -1.72 6.71
CA ASN A 138 -13.40 -2.19 5.49
C ASN A 138 -12.10 -1.49 5.14
N ILE A 139 -11.06 -2.25 4.82
CA ILE A 139 -9.78 -1.67 4.42
C ILE A 139 -9.52 -1.92 2.93
N LYS A 140 -9.66 -0.87 2.13
CA LYS A 140 -9.57 -0.99 0.67
C LYS A 140 -8.25 -0.44 0.14
N PRO A 141 -7.50 -1.29 -0.55
CA PRO A 141 -6.25 -0.89 -1.20
C PRO A 141 -6.55 -0.18 -2.51
N VAL A 142 -5.91 0.98 -2.71
CA VAL A 142 -6.03 1.69 -3.99
C VAL A 142 -4.68 2.21 -4.55
N ILE A 143 -3.61 2.16 -3.76
CA ILE A 143 -2.30 2.57 -4.24
C ILE A 143 -1.35 1.37 -4.26
N LEU A 144 -0.48 1.30 -5.26
CA LEU A 144 0.44 0.17 -5.39
C LEU A 144 1.75 0.47 -4.72
N ALA A 145 2.42 -0.59 -4.27
CA ALA A 145 3.69 -0.47 -3.59
C ALA A 145 4.73 -0.04 -4.62
N ALA A 146 5.79 0.62 -4.14
CA ALA A 146 6.80 1.25 -5.00
C ALA A 146 7.43 0.31 -6.02
N ASP A 147 7.47 -0.98 -5.68
CA ASP A 147 7.95 -2.02 -6.57
C ASP A 147 6.81 -2.53 -7.48
N GLY A 148 5.70 -1.79 -7.54
CA GLY A 148 4.58 -2.10 -8.41
C GLY A 148 3.70 -3.28 -8.03
N SER A 149 3.92 -3.83 -6.84
CA SER A 149 3.10 -4.95 -6.33
C SER A 149 1.93 -4.44 -5.52
N GLU A 150 1.05 -5.38 -5.17
CA GLU A 150 -0.05 -5.12 -4.26
C GLU A 150 0.49 -4.79 -2.87
N PRO A 151 -0.09 -3.80 -2.21
CA PRO A 151 0.39 -3.39 -0.89
C PRO A 151 0.00 -4.43 0.16
N ASP A 152 0.92 -4.70 1.10
CA ASP A 152 0.66 -5.62 2.22
C ASP A 152 -0.03 -4.89 3.38
N LEU A 153 -1.34 -5.11 3.48
CA LEU A 153 -2.17 -4.38 4.45
C LEU A 153 -2.63 -5.28 5.61
N SER A 154 -1.80 -6.28 5.90
CA SER A 154 -2.09 -7.22 6.96
C SER A 154 -1.78 -6.58 8.31
N GLN A 155 -0.74 -5.76 8.36
CA GLN A 155 -0.31 -5.17 9.65
C GLN A 155 -0.45 -3.65 9.76
N GLN A 156 -0.30 -2.93 8.64
CA GLN A 156 -0.36 -1.47 8.65
C GLN A 156 -0.68 -0.88 7.28
N ALA A 157 -0.99 0.42 7.27
CA ALA A 157 -1.41 1.08 6.04
C ALA A 157 -0.20 1.42 5.21
N LEU A 158 -0.34 1.27 3.89
CA LEU A 158 0.66 1.78 2.96
C LEU A 158 0.51 3.28 2.79
N THR A 159 1.49 4.00 3.33
CA THR A 159 1.43 5.45 3.42
C THR A 159 1.97 6.20 2.19
N GLU A 160 2.93 5.58 1.50
CA GLU A 160 3.52 6.11 0.27
C GLU A 160 2.49 6.64 -0.75
N LYS A 161 2.91 7.63 -1.54
CA LYS A 161 2.14 8.08 -2.70
C LYS A 161 2.53 7.23 -3.90
N GLY A 162 1.58 6.93 -4.78
CA GLY A 162 1.91 6.05 -5.89
C GLY A 162 0.86 5.81 -6.95
N VAL A 163 1.05 4.76 -7.74
CA VAL A 163 0.17 4.44 -8.88
C VAL A 163 -1.11 3.73 -8.41
N LEU A 164 -2.25 4.28 -8.81
CA LEU A 164 -3.55 3.76 -8.41
C LEU A 164 -3.87 2.44 -9.07
N PHE A 165 -4.46 1.54 -8.29
CA PHE A 165 -5.13 0.38 -8.85
C PHE A 165 -6.40 0.14 -8.07
N ASN A 166 -7.28 -0.72 -8.59
CA ASN A 166 -8.55 -0.98 -7.93
C ASN A 166 -9.32 0.32 -7.73
N SER A 167 -9.12 1.27 -8.64
CA SER A 167 -9.69 2.61 -8.57
C SER A 167 -10.44 2.95 -9.84
N GLY A 168 -11.03 1.92 -10.46
CA GLY A 168 -11.82 2.06 -11.67
C GLY A 168 -11.13 2.82 -12.78
N GLU A 169 -11.76 3.89 -13.25
CA GLU A 169 -11.26 4.62 -14.40
C GLU A 169 -9.91 5.27 -14.13
N PHE A 170 -9.56 5.43 -12.86
CA PHE A 170 -8.33 6.13 -12.48
C PHE A 170 -7.14 5.18 -12.34
N ASN A 171 -7.39 3.91 -12.62
CA ASN A 171 -6.36 2.90 -12.57
C ASN A 171 -5.17 3.26 -13.44
N GLY A 172 -3.97 3.12 -12.89
CA GLY A 172 -2.77 3.29 -13.66
C GLY A 172 -2.19 4.68 -13.61
N LEU A 173 -2.91 5.63 -13.02
CA LEU A 173 -2.40 7.00 -12.91
C LEU A 173 -1.41 7.14 -11.77
N ASP A 174 -0.29 7.84 -12.00
CA ASP A 174 0.63 8.18 -10.92
C ASP A 174 -0.02 9.23 -10.05
N HIS A 175 0.61 9.58 -8.93
CA HIS A 175 -0.04 10.42 -7.92
C HIS A 175 -0.57 11.76 -8.39
N GLU A 176 0.25 12.51 -9.12
CA GLU A 176 -0.16 13.84 -9.53
C GLU A 176 -1.27 13.78 -10.59
N ALA A 177 -1.28 12.72 -11.39
CA ALA A 177 -2.35 12.55 -12.37
C ALA A 177 -3.67 12.19 -11.69
N ALA A 178 -3.60 11.23 -10.77
CA ALA A 178 -4.73 10.78 -9.97
C ALA A 178 -5.39 11.97 -9.28
N PHE A 179 -4.57 12.72 -8.55
CA PHE A 179 -5.05 13.88 -7.82
C PHE A 179 -5.93 14.74 -8.71
N ASN A 180 -5.40 15.15 -9.86
CA ASN A 180 -6.14 16.01 -10.77
C ASN A 180 -7.32 15.31 -11.40
N ALA A 181 -7.14 14.06 -11.82
CA ALA A 181 -8.20 13.33 -12.52
C ALA A 181 -9.41 13.13 -11.60
N ILE A 182 -9.15 12.88 -10.32
CA ILE A 182 -10.24 12.71 -9.37
C ILE A 182 -10.81 14.06 -8.94
N ALA A 183 -9.95 15.06 -8.77
CA ALA A 183 -10.42 16.40 -8.44
C ALA A 183 -11.33 16.93 -9.55
N ASP A 184 -10.87 16.79 -10.79
CA ASP A 184 -11.60 17.28 -11.95
C ASP A 184 -12.93 16.56 -12.12
N LYS A 185 -12.95 15.27 -11.80
CA LYS A 185 -14.16 14.48 -11.98
C LYS A 185 -15.23 14.98 -11.03
N LEU A 186 -14.88 15.06 -9.75
CA LEU A 186 -15.79 15.49 -8.72
C LEU A 186 -16.26 16.93 -8.93
N THR A 187 -15.37 17.77 -9.44
CA THR A 187 -15.70 19.13 -9.84
C THR A 187 -16.75 19.13 -10.93
N ALA A 188 -16.51 18.40 -12.02
CA ALA A 188 -17.42 18.40 -13.16
C ALA A 188 -18.77 17.81 -12.78
N MET A 189 -18.76 16.97 -11.75
CA MET A 189 -19.94 16.34 -11.19
C MET A 189 -20.64 17.24 -10.18
N GLY A 190 -20.07 18.43 -9.96
CA GLY A 190 -20.65 19.45 -9.09
C GLY A 190 -20.66 19.07 -7.63
N VAL A 191 -19.77 18.16 -7.27
CA VAL A 191 -19.77 17.55 -5.95
C VAL A 191 -18.45 17.86 -5.23
N GLY A 192 -17.48 18.37 -5.99
CA GLY A 192 -16.16 18.64 -5.44
C GLY A 192 -15.67 20.02 -5.78
N GLU A 193 -14.78 20.55 -4.96
CA GLU A 193 -14.25 21.89 -5.18
C GLU A 193 -12.79 22.02 -4.73
N ARG A 194 -11.93 22.49 -5.64
CA ARG A 194 -10.52 22.68 -5.34
C ARG A 194 -10.34 23.84 -4.37
N LYS A 195 -9.30 23.79 -3.54
CA LYS A 195 -8.98 24.87 -2.61
C LYS A 195 -7.52 25.29 -2.72
N VAL A 196 -7.26 26.58 -2.87
CA VAL A 196 -5.90 27.10 -3.09
C VAL A 196 -5.08 27.22 -1.81
N GLU B 11 12.46 8.34 -7.23
CA GLU B 11 13.52 7.73 -8.10
C GLU B 11 13.70 6.24 -7.84
N GLY B 12 13.77 5.47 -8.92
CA GLY B 12 14.01 4.04 -8.82
C GLY B 12 14.99 3.50 -9.85
N VAL B 13 15.12 2.18 -9.88
CA VAL B 13 15.96 1.51 -10.85
C VAL B 13 15.19 0.36 -11.45
N GLU B 14 15.27 0.25 -12.77
CA GLU B 14 14.69 -0.87 -13.50
C GLU B 14 15.81 -1.89 -13.85
N ILE B 15 15.57 -3.16 -13.55
CA ILE B 15 16.59 -4.22 -13.69
C ILE B 15 16.13 -5.42 -14.52
N THR B 16 16.97 -5.80 -15.48
CA THR B 16 16.70 -6.94 -16.33
C THR B 16 17.48 -8.17 -15.86
N PHE B 17 16.80 -9.31 -15.82
CA PHE B 17 17.39 -10.55 -15.38
C PHE B 17 17.33 -11.51 -16.55
N ASN B 18 18.42 -12.21 -16.82
CA ASN B 18 18.39 -13.35 -17.73
C ASN B 18 17.78 -14.57 -17.03
N VAL B 19 17.31 -15.54 -17.81
CA VAL B 19 16.71 -16.73 -17.23
C VAL B 19 17.17 -18.00 -17.97
N ASN B 20 17.72 -18.95 -17.20
CA ASN B 20 18.18 -20.25 -17.73
C ASN B 20 17.11 -21.03 -18.48
N ASP B 21 17.47 -21.50 -19.68
CA ASP B 21 16.58 -22.27 -20.56
C ASP B 21 15.32 -21.51 -20.99
N TYR B 22 15.45 -20.20 -21.12
CA TYR B 22 14.30 -19.35 -21.41
C TYR B 22 14.65 -18.38 -22.52
N ASP B 23 13.87 -18.42 -23.59
CA ASP B 23 14.05 -17.53 -24.73
C ASP B 23 14.22 -16.04 -24.30
N ASN B 24 13.54 -15.65 -23.22
CA ASN B 24 13.45 -14.24 -22.82
C ASN B 24 13.97 -13.87 -21.41
N THR B 25 13.81 -12.58 -21.07
CA THR B 25 14.29 -11.99 -19.82
C THR B 25 13.15 -11.65 -18.88
N LEU B 26 13.47 -11.30 -17.65
CA LEU B 26 12.51 -10.76 -16.70
C LEU B 26 12.91 -9.34 -16.31
N THR B 27 11.95 -8.44 -16.18
CA THR B 27 12.29 -7.09 -15.74
C THR B 27 11.58 -6.75 -14.43
N VAL B 28 12.24 -5.91 -13.64
CA VAL B 28 11.87 -5.65 -12.26
C VAL B 28 12.08 -4.16 -12.00
N TYR B 29 11.17 -3.54 -11.26
CA TYR B 29 11.37 -2.14 -10.86
C TYR B 29 11.59 -2.07 -9.35
N THR B 30 12.60 -1.34 -8.88
CA THR B 30 12.80 -1.16 -7.43
C THR B 30 13.33 0.18 -7.00
N THR B 31 12.85 0.62 -5.84
CA THR B 31 13.28 1.91 -5.28
C THR B 31 14.33 1.67 -4.24
N ARG B 32 14.65 0.40 -4.01
CA ARG B 32 15.64 0.04 -3.02
C ARG B 32 16.75 -0.79 -3.65
N PRO B 33 17.42 -0.27 -4.67
CA PRO B 33 18.49 -1.03 -5.30
C PRO B 33 19.61 -1.24 -4.28
N ASP B 34 19.72 -0.33 -3.31
CA ASP B 34 20.71 -0.41 -2.25
C ASP B 34 20.70 -1.80 -1.61
N THR B 35 19.53 -2.41 -1.54
CA THR B 35 19.41 -3.74 -0.95
C THR B 35 19.70 -4.90 -1.92
N PHE B 36 20.13 -4.57 -3.14
CA PHE B 36 20.10 -5.55 -4.26
C PHE B 36 20.87 -6.81 -4.00
N MET B 37 21.95 -6.70 -3.24
CA MET B 37 22.74 -7.87 -2.94
C MET B 37 21.97 -8.85 -2.07
N GLY B 38 20.85 -8.40 -1.50
CA GLY B 38 20.01 -9.25 -0.68
C GLY B 38 18.95 -10.01 -1.45
N CYS B 39 18.79 -9.71 -2.72
CA CYS B 39 17.73 -10.33 -3.50
C CYS B 39 18.00 -11.81 -3.60
N THR B 40 17.07 -12.62 -3.11
CA THR B 40 17.26 -14.06 -3.05
C THR B 40 16.28 -14.77 -3.93
N TYR B 41 15.22 -14.07 -4.33
CA TYR B 41 14.29 -14.62 -5.30
C TYR B 41 13.55 -13.55 -6.05
N LEU B 42 12.90 -13.98 -7.12
CA LEU B 42 11.97 -13.16 -7.89
C LEU B 42 10.55 -13.68 -7.74
N ALA B 43 9.59 -12.77 -7.82
CA ALA B 43 8.18 -13.14 -7.84
C ALA B 43 7.49 -12.59 -9.06
N VAL B 44 6.89 -13.47 -9.86
CA VAL B 44 6.12 -13.03 -11.04
C VAL B 44 4.58 -13.12 -10.88
N ALA B 45 3.86 -12.50 -11.82
CA ALA B 45 2.41 -12.47 -11.81
C ALA B 45 1.86 -13.78 -12.33
N ALA B 46 0.76 -14.24 -11.71
CA ALA B 46 0.12 -15.48 -12.10
C ALA B 46 -0.09 -15.55 -13.60
N GLY B 47 -0.12 -14.41 -14.27
CA GLY B 47 -0.33 -14.38 -15.70
C GLY B 47 0.93 -14.04 -16.48
N HIS B 48 2.09 -14.20 -15.85
CA HIS B 48 3.33 -13.90 -16.54
C HIS B 48 3.67 -14.93 -17.61
N PRO B 49 3.99 -14.48 -18.81
CA PRO B 49 4.45 -15.39 -19.86
C PRO B 49 5.30 -16.51 -19.27
N LEU B 50 6.23 -16.18 -18.37
CA LEU B 50 7.08 -17.17 -17.74
C LEU B 50 6.28 -18.19 -16.95
N ALA B 51 5.33 -17.74 -16.14
CA ALA B 51 4.43 -18.66 -15.44
C ALA B 51 3.66 -19.57 -16.41
N GLN B 52 3.22 -19.02 -17.54
CA GLN B 52 2.52 -19.80 -18.57
C GLN B 52 3.41 -20.84 -19.23
N LYS B 53 4.57 -20.43 -19.73
CA LYS B 53 5.58 -21.37 -20.26
C LYS B 53 5.91 -22.47 -19.23
N ALA B 54 5.89 -22.09 -17.95
CA ALA B 54 6.13 -23.03 -16.86
C ALA B 54 4.87 -23.80 -16.51
N ALA B 55 3.71 -23.28 -16.88
CA ALA B 55 2.44 -24.00 -16.65
C ALA B 55 2.32 -25.27 -17.49
N GLU B 56 2.94 -25.25 -18.68
CA GLU B 56 2.90 -26.35 -19.65
C GLU B 56 3.26 -27.70 -19.02
N ASN B 57 4.37 -27.73 -18.28
CA ASN B 57 4.82 -28.97 -17.63
C ASN B 57 4.81 -28.91 -16.09
N ASN B 58 3.72 -28.36 -15.55
CA ASN B 58 3.50 -28.26 -14.12
C ASN B 58 2.02 -28.10 -13.85
N PRO B 59 1.36 -29.21 -13.49
CA PRO B 59 -0.08 -29.20 -13.19
C PRO B 59 -0.48 -28.38 -11.95
N GLU B 60 0.31 -28.48 -10.88
CA GLU B 60 0.03 -27.73 -9.65
C GLU B 60 0.11 -26.20 -9.87
N LEU B 61 0.91 -25.80 -10.86
CA LEU B 61 0.95 -24.39 -11.30
C LEU B 61 -0.40 -24.04 -11.92
N ALA B 62 -0.83 -24.86 -12.88
CA ALA B 62 -2.13 -24.67 -13.52
C ALA B 62 -3.24 -24.48 -12.49
N ALA B 63 -3.19 -25.24 -11.40
CA ALA B 63 -4.16 -25.12 -10.31
C ALA B 63 -4.10 -23.75 -9.65
N PHE B 64 -2.88 -23.21 -9.52
CA PHE B 64 -2.67 -21.89 -8.92
C PHE B 64 -3.01 -20.73 -9.85
N ILE B 65 -2.62 -20.83 -11.12
CA ILE B 65 -2.95 -19.83 -12.14
C ILE B 65 -4.46 -19.69 -12.28
N ASP B 66 -5.13 -20.82 -12.53
CA ASP B 66 -6.59 -20.89 -12.66
C ASP B 66 -7.34 -20.48 -11.38
N GLU B 67 -6.76 -20.78 -10.22
CA GLU B 67 -7.32 -20.31 -8.96
C GLU B 67 -7.24 -18.79 -8.85
N CYS B 68 -6.16 -18.21 -9.39
CA CYS B 68 -5.90 -16.76 -9.37
C CYS B 68 -6.80 -15.95 -10.33
N ARG B 69 -7.55 -16.66 -11.19
CA ARG B 69 -8.42 -16.03 -12.20
C ARG B 69 -9.89 -16.46 -12.06
N THR B 80 -3.98 -7.35 3.36
CA THR B 80 -5.10 -7.83 4.18
C THR B 80 -5.49 -9.26 3.80
N MET B 81 -4.85 -9.80 2.75
CA MET B 81 -5.10 -11.17 2.33
C MET B 81 -3.90 -12.09 2.63
N GLU B 82 -4.11 -13.40 2.49
CA GLU B 82 -3.07 -14.40 2.74
C GLU B 82 -2.29 -14.78 1.47
N LYS B 83 -1.09 -14.21 1.35
CA LYS B 83 -0.16 -14.39 0.23
C LYS B 83 0.18 -15.85 -0.11
N LYS B 84 0.16 -16.17 -1.41
CA LYS B 84 0.32 -17.53 -1.91
C LYS B 84 1.22 -17.60 -3.14
N GLY B 85 1.75 -18.79 -3.44
CA GLY B 85 2.68 -18.93 -4.55
C GLY B 85 3.18 -20.34 -4.87
N VAL B 86 3.76 -20.48 -6.05
CA VAL B 86 4.25 -21.76 -6.57
C VAL B 86 5.57 -21.53 -7.30
N ASP B 87 6.62 -22.26 -6.93
CA ASP B 87 7.90 -22.21 -7.64
C ASP B 87 7.66 -22.48 -9.12
N THR B 88 8.23 -21.67 -10.00
CA THR B 88 8.03 -21.86 -11.43
C THR B 88 8.88 -23.00 -11.96
N GLY B 89 9.92 -23.35 -11.21
CA GLY B 89 10.93 -24.28 -11.67
C GLY B 89 12.09 -23.56 -12.36
N PHE B 90 11.88 -22.31 -12.74
CA PHE B 90 12.89 -21.54 -13.44
C PHE B 90 13.83 -20.83 -12.49
N LYS B 91 15.04 -20.58 -12.97
CA LYS B 91 16.02 -19.86 -12.20
C LYS B 91 16.48 -18.63 -12.97
N ALA B 92 16.48 -17.47 -12.31
CA ALA B 92 17.03 -16.25 -12.90
C ALA B 92 18.44 -16.06 -12.36
N VAL B 93 19.28 -15.41 -13.15
CA VAL B 93 20.67 -15.17 -12.77
C VAL B 93 20.85 -13.78 -12.16
N HIS B 94 21.38 -13.72 -10.95
CA HIS B 94 21.67 -12.45 -10.30
C HIS B 94 22.88 -11.78 -10.97
N PRO B 95 22.68 -10.61 -11.59
CA PRO B 95 23.70 -10.03 -12.46
C PRO B 95 24.96 -9.59 -11.71
N LEU B 96 24.85 -9.44 -10.39
CA LEU B 96 25.97 -8.98 -9.60
C LEU B 96 26.59 -10.12 -8.80
N THR B 97 25.74 -10.99 -8.26
CA THR B 97 26.18 -12.04 -7.35
C THR B 97 26.69 -13.20 -8.16
N GLY B 98 26.11 -13.37 -9.34
CA GLY B 98 26.50 -14.44 -10.21
C GLY B 98 25.55 -15.60 -10.05
N GLU B 99 24.98 -15.76 -8.85
CA GLU B 99 24.27 -17.00 -8.53
C GLU B 99 22.80 -17.09 -8.96
N GLU B 100 22.30 -18.32 -9.04
CA GLU B 100 20.93 -18.56 -9.44
C GLU B 100 19.97 -18.33 -8.28
N ILE B 101 18.89 -17.59 -8.57
CA ILE B 101 17.77 -17.39 -7.63
C ILE B 101 16.46 -17.87 -8.24
N PRO B 102 15.56 -18.34 -7.39
CA PRO B 102 14.31 -18.94 -7.85
C PRO B 102 13.24 -17.89 -8.23
N VAL B 103 12.61 -18.13 -9.37
CA VAL B 103 11.43 -17.39 -9.78
C VAL B 103 10.14 -18.10 -9.30
N TRP B 104 9.31 -17.33 -8.60
CA TRP B 104 8.07 -17.80 -8.00
C TRP B 104 6.87 -17.00 -8.48
N ALA B 105 5.82 -17.69 -8.90
CA ALA B 105 4.54 -17.08 -9.20
C ALA B 105 3.94 -16.62 -7.89
N ALA B 106 3.47 -15.38 -7.84
CA ALA B 106 2.91 -14.80 -6.61
C ALA B 106 1.54 -14.14 -6.86
N ASN B 107 0.67 -14.21 -5.86
CA ASN B 107 -0.69 -13.70 -6.00
C ASN B 107 -0.79 -12.18 -5.79
N PHE B 108 0.26 -11.57 -5.26
CA PHE B 108 0.28 -10.13 -5.02
C PHE B 108 1.17 -9.41 -6.04
N VAL B 109 1.46 -10.09 -7.15
CA VAL B 109 2.18 -9.47 -8.25
C VAL B 109 1.22 -9.38 -9.41
N LEU B 110 1.12 -8.19 -9.99
CA LEU B 110 0.17 -7.96 -11.05
C LEU B 110 0.85 -7.87 -12.39
N MET B 111 0.14 -8.27 -13.44
CA MET B 111 0.61 -8.04 -14.79
C MET B 111 0.37 -6.57 -15.18
N GLU B 112 -0.80 -6.07 -14.83
CA GLU B 112 -1.22 -4.71 -15.18
C GLU B 112 -0.35 -3.63 -14.56
N TYR B 113 -0.25 -2.50 -15.26
CA TYR B 113 0.45 -1.28 -14.82
C TYR B 113 1.91 -1.43 -14.36
N GLY B 114 2.55 -2.54 -14.72
CA GLY B 114 3.96 -2.72 -14.42
C GLY B 114 4.61 -3.75 -15.31
N THR B 115 5.69 -4.35 -14.80
CA THR B 115 6.46 -5.37 -15.51
C THR B 115 5.97 -6.79 -15.27
N GLY B 116 5.22 -7.01 -14.19
CA GLY B 116 4.69 -8.33 -13.85
C GLY B 116 5.65 -9.15 -13.00
N ALA B 117 6.73 -8.52 -12.55
CA ALA B 117 7.76 -9.19 -11.75
C ALA B 117 8.41 -8.23 -10.78
N VAL B 118 8.66 -8.72 -9.57
CA VAL B 118 9.31 -7.93 -8.53
C VAL B 118 10.55 -8.63 -8.01
N MET B 119 11.54 -7.86 -7.59
CA MET B 119 12.70 -8.40 -6.90
C MET B 119 12.30 -8.48 -5.45
N ALA B 120 12.58 -9.59 -4.81
CA ALA B 120 12.31 -9.73 -3.40
C ALA B 120 13.61 -9.81 -2.62
N VAL B 121 13.74 -8.97 -1.61
CA VAL B 121 14.86 -9.04 -0.67
C VAL B 121 14.22 -9.33 0.70
N PRO B 122 13.92 -10.60 0.99
CA PRO B 122 13.12 -10.95 2.17
C PRO B 122 13.83 -10.54 3.45
N GLY B 123 15.13 -10.27 3.33
CA GLY B 123 15.88 -9.79 4.48
C GLY B 123 15.44 -8.43 5.00
N HIS B 124 14.86 -7.59 4.14
CA HIS B 124 14.64 -6.17 4.49
C HIS B 124 13.32 -5.58 3.98
N ASP B 125 12.33 -6.45 3.81
CA ASP B 125 11.01 -6.11 3.33
C ASP B 125 10.04 -7.14 3.89
N GLN B 126 9.14 -6.65 4.75
CA GLN B 126 8.32 -7.55 5.55
C GLN B 126 7.46 -8.49 4.71
N ARG B 127 6.89 -7.97 3.62
CA ARG B 127 6.10 -8.82 2.74
C ARG B 127 6.99 -9.94 2.16
N ASP B 128 8.17 -9.54 1.70
CA ASP B 128 9.12 -10.46 1.11
C ASP B 128 9.49 -11.57 2.12
N TYR B 129 9.86 -11.15 3.32
CA TYR B 129 10.20 -12.06 4.42
C TYR B 129 9.19 -13.19 4.57
N GLU B 130 7.96 -12.80 4.89
CA GLU B 130 6.92 -13.74 5.25
C GLU B 130 6.67 -14.79 4.18
N PHE B 131 6.91 -14.41 2.92
CA PHE B 131 6.68 -15.28 1.77
C PHE B 131 7.67 -16.46 1.79
N ALA B 132 8.96 -16.11 1.94
CA ALA B 132 10.07 -17.10 2.06
C ALA B 132 9.86 -18.04 3.26
N SER B 133 9.67 -17.45 4.44
CA SER B 133 9.32 -18.22 5.64
C SER B 133 8.29 -19.28 5.28
N LYS B 134 7.16 -18.83 4.75
CA LYS B 134 6.10 -19.75 4.37
C LYS B 134 6.59 -20.80 3.35
N TYR B 135 7.39 -20.38 2.37
CA TYR B 135 7.72 -21.30 1.28
C TYR B 135 9.14 -21.90 1.30
N GLY B 136 9.94 -21.48 2.29
CA GLY B 136 11.29 -22.00 2.45
C GLY B 136 12.30 -21.42 1.47
N LEU B 137 12.58 -20.12 1.59
CA LEU B 137 13.52 -19.43 0.70
C LEU B 137 14.61 -18.66 1.47
N ASN B 138 15.84 -18.70 0.93
CA ASN B 138 17.04 -18.10 1.54
C ASN B 138 16.78 -16.67 2.05
N ILE B 139 16.84 -16.45 3.36
CA ILE B 139 16.67 -15.09 3.88
C ILE B 139 18.04 -14.50 4.11
N LYS B 140 18.44 -13.55 3.25
CA LYS B 140 19.80 -13.02 3.25
C LYS B 140 19.88 -11.55 3.69
N PRO B 141 20.68 -11.30 4.74
CA PRO B 141 20.88 -9.94 5.28
C PRO B 141 22.01 -9.20 4.61
N VAL B 142 21.75 -7.95 4.18
CA VAL B 142 22.76 -7.09 3.55
C VAL B 142 22.88 -5.72 4.24
N ILE B 143 22.00 -5.46 5.21
CA ILE B 143 22.01 -4.16 5.91
C ILE B 143 22.33 -4.31 7.41
N LEU B 144 23.19 -3.41 7.90
CA LEU B 144 23.54 -3.35 9.32
C LEU B 144 22.57 -2.50 10.13
N ALA B 145 22.22 -3.00 11.33
CA ALA B 145 21.48 -2.25 12.33
C ALA B 145 22.09 -0.84 12.55
N ALA B 146 21.39 0.02 13.31
CA ALA B 146 21.86 1.38 13.59
C ALA B 146 23.21 1.37 14.32
N ASP B 147 23.37 0.41 15.23
CA ASP B 147 24.58 0.23 16.05
C ASP B 147 25.71 -0.57 15.36
N GLY B 148 25.56 -0.81 14.06
CA GLY B 148 26.59 -1.47 13.27
C GLY B 148 26.71 -2.98 13.41
N SER B 149 25.83 -3.59 14.19
CA SER B 149 25.83 -5.05 14.32
C SER B 149 25.00 -5.73 13.22
N GLU B 150 25.20 -7.03 13.07
CA GLU B 150 24.37 -7.85 12.19
C GLU B 150 22.93 -8.07 12.74
N PRO B 151 21.94 -7.80 11.90
CA PRO B 151 20.52 -7.84 12.28
C PRO B 151 20.00 -9.18 12.79
N ASP B 152 18.94 -9.14 13.62
CA ASP B 152 18.22 -10.36 14.00
C ASP B 152 17.06 -10.67 13.01
N LEU B 153 17.30 -11.66 12.14
CA LEU B 153 16.34 -12.04 11.11
C LEU B 153 15.64 -13.37 11.37
N SER B 154 15.76 -13.88 12.60
CA SER B 154 15.15 -15.15 13.01
C SER B 154 13.66 -14.97 13.23
N GLN B 155 13.26 -13.76 13.67
CA GLN B 155 11.86 -13.45 13.96
C GLN B 155 11.17 -12.76 12.78
N GLN B 156 11.81 -11.72 12.25
CA GLN B 156 11.19 -10.86 11.24
C GLN B 156 12.24 -10.12 10.41
N ALA B 157 11.78 -9.46 9.36
CA ALA B 157 12.67 -8.65 8.52
C ALA B 157 13.14 -7.35 9.20
N LEU B 158 14.26 -6.83 8.71
CA LEU B 158 14.84 -5.58 9.16
C LEU B 158 14.63 -4.51 8.10
N THR B 159 13.51 -3.79 8.24
CA THR B 159 13.06 -2.82 7.23
C THR B 159 13.64 -1.41 7.41
N GLU B 160 14.80 -1.29 8.06
CA GLU B 160 15.43 0.02 8.25
C GLU B 160 16.39 0.33 7.11
N LYS B 161 16.74 1.59 6.98
CA LYS B 161 17.75 2.00 6.00
C LYS B 161 19.07 2.20 6.73
N GLY B 162 20.02 1.30 6.46
CA GLY B 162 21.31 1.30 7.14
C GLY B 162 22.50 1.21 6.21
N VAL B 163 23.61 0.70 6.74
CA VAL B 163 24.87 0.55 5.99
C VAL B 163 25.00 -0.88 5.45
N LEU B 164 25.75 -1.04 4.35
CA LEU B 164 25.88 -2.33 3.67
C LEU B 164 27.01 -3.25 4.19
N PHE B 165 26.66 -4.52 4.27
CA PHE B 165 27.57 -5.60 4.60
C PHE B 165 27.09 -6.79 3.77
N ASN B 166 27.88 -7.86 3.70
CA ASN B 166 27.47 -9.07 2.98
C ASN B 166 27.12 -8.78 1.51
N SER B 167 27.63 -7.66 1.01
CA SER B 167 27.25 -7.15 -0.30
C SER B 167 28.46 -6.98 -1.24
N GLY B 168 29.58 -7.59 -0.89
CA GLY B 168 30.76 -7.56 -1.75
C GLY B 168 31.44 -6.20 -1.84
N GLU B 169 31.70 -5.73 -3.06
CA GLU B 169 32.42 -4.48 -3.27
C GLU B 169 31.67 -3.25 -2.77
N PHE B 170 30.40 -3.43 -2.46
CA PHE B 170 29.57 -2.32 -2.01
C PHE B 170 29.47 -2.26 -0.49
N ASN B 171 30.25 -3.07 0.20
CA ASN B 171 30.26 -3.06 1.66
C ASN B 171 30.66 -1.70 2.25
N GLY B 172 29.98 -1.33 3.33
CA GLY B 172 30.34 -0.14 4.09
C GLY B 172 29.79 1.17 3.56
N LEU B 173 29.00 1.12 2.49
CA LEU B 173 28.36 2.33 1.96
C LEU B 173 26.96 2.44 2.55
N ASP B 174 26.54 3.67 2.88
CA ASP B 174 25.20 3.92 3.45
C ASP B 174 24.11 3.90 2.38
N HIS B 175 22.86 3.78 2.80
CA HIS B 175 21.73 3.74 1.84
C HIS B 175 21.93 4.67 0.63
N GLU B 176 22.50 5.86 0.85
CA GLU B 176 22.62 6.90 -0.19
C GLU B 176 23.69 6.64 -1.27
N ALA B 177 24.92 6.33 -0.84
CA ALA B 177 26.00 6.06 -1.77
C ALA B 177 25.87 4.67 -2.39
N ALA B 178 25.26 3.75 -1.64
CA ALA B 178 25.01 2.39 -2.11
C ALA B 178 23.98 2.35 -3.24
N PHE B 179 22.85 3.03 -3.06
CA PHE B 179 21.88 3.30 -4.13
C PHE B 179 22.62 3.69 -5.40
N ASN B 180 23.47 4.70 -5.32
CA ASN B 180 24.18 5.19 -6.49
C ASN B 180 25.13 4.16 -7.09
N ALA B 181 25.96 3.57 -6.24
CA ALA B 181 26.96 2.61 -6.67
C ALA B 181 26.33 1.45 -7.46
N ILE B 182 25.39 0.76 -6.81
CA ILE B 182 24.66 -0.35 -7.41
C ILE B 182 23.97 0.06 -8.72
N ALA B 183 23.29 1.20 -8.70
CA ALA B 183 22.62 1.75 -9.88
C ALA B 183 23.60 2.02 -11.02
N ASP B 184 24.74 2.65 -10.71
CA ASP B 184 25.78 2.91 -11.70
C ASP B 184 26.34 1.63 -12.27
N LYS B 185 26.56 0.66 -11.41
CA LYS B 185 27.10 -0.62 -11.83
C LYS B 185 26.19 -1.29 -12.85
N LEU B 186 24.91 -1.38 -12.54
CA LEU B 186 23.96 -2.01 -13.44
C LEU B 186 23.76 -1.19 -14.71
N THR B 187 23.90 0.13 -14.59
CA THR B 187 23.85 1.04 -15.74
C THR B 187 25.04 0.77 -16.65
N ALA B 188 26.23 0.77 -16.06
CA ALA B 188 27.47 0.47 -16.77
C ALA B 188 27.43 -0.91 -17.46
N MET B 189 26.87 -1.91 -16.80
CA MET B 189 26.72 -3.26 -17.35
C MET B 189 25.59 -3.37 -18.37
N GLY B 190 24.75 -2.34 -18.44
CA GLY B 190 23.60 -2.32 -19.33
C GLY B 190 22.51 -3.28 -18.92
N VAL B 191 22.49 -3.62 -17.63
CA VAL B 191 21.50 -4.52 -17.05
C VAL B 191 20.35 -3.72 -16.44
N GLY B 192 20.67 -2.56 -15.88
CA GLY B 192 19.69 -1.72 -15.24
C GLY B 192 19.65 -0.31 -15.80
N GLU B 193 18.55 0.39 -15.51
CA GLU B 193 18.34 1.75 -15.97
C GLU B 193 17.68 2.54 -14.85
N ARG B 194 18.21 3.72 -14.53
CA ARG B 194 17.61 4.60 -13.54
C ARG B 194 16.28 5.11 -14.08
N LYS B 195 15.20 4.97 -13.31
CA LYS B 195 13.89 5.38 -13.79
C LYS B 195 13.34 6.48 -12.89
#